data_7V2X
#
_entry.id   7V2X
#
_cell.length_a   101.097
_cell.length_b   101.097
_cell.length_c   130.377
_cell.angle_alpha   90.000
_cell.angle_beta   90.000
_cell.angle_gamma   120.000
#
_symmetry.space_group_name_H-M   'P 61 2 2'
#
loop_
_entity.id
_entity.type
_entity.pdbx_description
1 polymer dioxygenase
2 non-polymer '2-OXOGLUTARIC ACID'
3 non-polymer 'FE (II) ION'
4 non-polymer GLYCEROL
5 non-polymer (3S,6S)-3-[(2S)-butan-2-yl]-6-[(2R)-2-methyl-2,3-bis(oxidanyl)propyl]piperazine-2,5-dion
6 water water
#
_entity_poly.entity_id   1
_entity_poly.type   'polypeptide(L)'
_entity_poly.pdbx_seq_one_letter_code
;MTDHARGTLPEIRRGRIYRDVYHKRVDEEPVDRTADLERARLGDDGLDFQDDAAQARAFAQGVFLLEIPEWLDLSAGDRF
ARQFFQGTGVEPYGKYRDLSSEHFGDELLGYHSRVDQLEQFLLERRFWGEVYPSEIATLGEHLTLLSHRVLRSVLASAGI
PEEDWHRASGGCSETNGSYHLTFNHYRSAHQDIGLSSHKDDGFITVLRTTAQGLEVNRDDVWEKVPVDPACFVVNFGLSM
EILTSACVTPLSAIMHRVSHQNFDRSSFGHFSSSRCLPGADDGIYRYLPSAGLERVCGSRELIEENDHEIYMGTEGQGLE
HHHHHHHH
;
_entity_poly.pdbx_strand_id   A
#
loop_
_chem_comp.id
_chem_comp.type
_chem_comp.name
_chem_comp.formula
7QX non-polymer (3S,6S)-3-[(2S)-butan-2-yl]-6-[(2R)-2-methyl-2,3-bis(oxidanyl)propyl]piperazine-2,5-dion 'C12 H22 N2 O4'
AKG non-polymer '2-OXOGLUTARIC ACID' 'C5 H6 O5'
FE2 non-polymer 'FE (II) ION' 'Fe 2'
GOL non-polymer GLYCEROL 'C3 H8 O3'
#
# COMPACT_ATOMS: atom_id res chain seq x y z
N ARG A 33 -7.87 22.63 -2.27
CA ARG A 33 -8.18 22.01 -3.55
C ARG A 33 -8.19 20.48 -3.45
N THR A 34 -8.95 19.84 -4.34
CA THR A 34 -9.14 18.40 -4.33
C THR A 34 -8.72 17.82 -5.67
N ALA A 35 -8.01 16.70 -5.62
CA ALA A 35 -7.51 16.06 -6.83
C ALA A 35 -8.65 15.41 -7.61
N ASP A 36 -8.62 15.56 -8.93
CA ASP A 36 -9.57 14.88 -9.80
C ASP A 36 -8.88 13.62 -10.30
N LEU A 37 -9.25 12.48 -9.72
CA LEU A 37 -8.59 11.23 -10.01
C LEU A 37 -9.38 10.42 -11.02
N GLU A 38 -8.68 9.59 -11.77
CA GLU A 38 -9.37 8.66 -12.67
C GLU A 38 -9.91 7.50 -11.86
N ARG A 39 -11.01 6.94 -12.32
CA ARG A 39 -11.64 5.78 -11.70
C ARG A 39 -11.47 4.57 -12.63
N ALA A 40 -11.10 3.43 -12.05
CA ALA A 40 -10.95 2.20 -12.81
C ALA A 40 -11.69 1.07 -12.11
N ARG A 41 -11.82 -0.03 -12.83
CA ARG A 41 -12.48 -1.22 -12.33
C ARG A 41 -11.72 -2.43 -12.84
N LEU A 42 -11.66 -3.49 -12.04
CA LEU A 42 -11.12 -4.75 -12.54
C LEU A 42 -12.17 -5.46 -13.37
N GLY A 43 -11.85 -5.75 -14.64
CA GLY A 43 -12.77 -6.44 -15.52
C GLY A 43 -12.14 -7.67 -16.11
N ASP A 44 -12.74 -8.21 -17.17
CA ASP A 44 -12.27 -9.46 -17.75
C ASP A 44 -10.86 -9.36 -18.28
N ASP A 45 -10.47 -8.20 -18.81
CA ASP A 45 -9.16 -8.02 -19.43
C ASP A 45 -8.18 -7.28 -18.53
N GLY A 46 -8.49 -7.18 -17.23
CA GLY A 46 -7.63 -6.43 -16.34
C GLY A 46 -8.21 -5.09 -15.93
N LEU A 47 -7.34 -4.13 -15.63
CA LEU A 47 -7.77 -2.80 -15.22
C LEU A 47 -8.46 -2.09 -16.38
N ASP A 48 -9.71 -1.71 -16.18
CA ASP A 48 -10.47 -0.98 -17.18
C ASP A 48 -10.63 0.47 -16.73
N PHE A 49 -10.03 1.39 -17.49
CA PHE A 49 -10.29 2.81 -17.34
C PHE A 49 -11.32 3.23 -18.37
N GLN A 50 -11.75 4.50 -18.30
CA GLN A 50 -12.75 4.98 -19.24
C GLN A 50 -12.22 4.89 -20.68
N ASP A 51 -10.95 5.22 -20.88
CA ASP A 51 -10.31 5.12 -22.20
C ASP A 51 -8.82 4.99 -21.98
N ASP A 52 -8.07 4.90 -23.08
CA ASP A 52 -6.63 4.72 -22.97
C ASP A 52 -5.96 5.97 -22.42
N ALA A 53 -6.40 7.15 -22.83
CA ALA A 53 -5.81 8.38 -22.32
C ALA A 53 -6.02 8.49 -20.82
N ALA A 54 -7.21 8.11 -20.33
CA ALA A 54 -7.49 8.16 -18.90
C ALA A 54 -6.51 7.29 -18.13
N GLN A 55 -6.27 6.07 -18.62
CA GLN A 55 -5.30 5.19 -17.98
C GLN A 55 -3.91 5.79 -18.01
N ALA A 56 -3.52 6.38 -19.15
CA ALA A 56 -2.23 7.05 -19.25
C ALA A 56 -2.08 8.11 -18.16
N ARG A 57 -3.09 8.96 -17.99
CA ARG A 57 -3.03 10.00 -16.96
C ARG A 57 -2.95 9.40 -15.56
N ALA A 58 -3.81 8.41 -15.28
CA ALA A 58 -3.76 7.74 -13.98
C ALA A 58 -2.39 7.15 -13.69
N PHE A 59 -1.78 6.49 -14.69
CA PHE A 59 -0.48 5.89 -14.44
C PHE A 59 0.60 6.97 -14.29
N ALA A 60 0.53 8.03 -15.09
CA ALA A 60 1.50 9.11 -14.97
C ALA A 60 1.35 9.87 -13.64
N GLN A 61 0.12 9.99 -13.12
CA GLN A 61 -0.06 10.66 -11.84
C GLN A 61 0.38 9.78 -10.67
N GLY A 62 0.32 8.47 -10.83
CA GLY A 62 0.72 7.57 -9.77
C GLY A 62 -0.32 7.29 -8.73
N VAL A 63 -1.57 7.72 -8.93
CA VAL A 63 -2.65 7.51 -7.97
C VAL A 63 -3.97 7.50 -8.74
N PHE A 64 -4.85 6.56 -8.39
CA PHE A 64 -6.17 6.54 -9.01
C PHE A 64 -7.11 5.78 -8.10
N LEU A 65 -8.40 5.85 -8.42
CA LEU A 65 -9.44 5.18 -7.67
C LEU A 65 -9.76 3.84 -8.32
N LEU A 66 -10.03 2.82 -7.51
CA LEU A 66 -10.37 1.49 -8.01
C LEU A 66 -11.67 1.02 -7.37
N GLU A 67 -12.66 0.69 -8.19
CA GLU A 67 -13.95 0.26 -7.67
C GLU A 67 -13.79 -1.00 -6.82
N ILE A 68 -14.37 -0.98 -5.62
CA ILE A 68 -14.36 -2.15 -4.75
C ILE A 68 -15.35 -3.17 -5.31
N PRO A 69 -14.94 -4.43 -5.50
CA PRO A 69 -15.89 -5.43 -6.01
C PRO A 69 -17.04 -5.60 -5.04
N GLU A 70 -18.25 -5.74 -5.59
CA GLU A 70 -19.44 -5.74 -4.76
C GLU A 70 -19.48 -6.90 -3.79
N TRP A 71 -18.86 -8.04 -4.15
CA TRP A 71 -18.89 -9.21 -3.28
C TRP A 71 -17.94 -9.11 -2.09
N LEU A 72 -17.04 -8.12 -2.08
CA LEU A 72 -15.95 -8.05 -1.11
C LEU A 72 -16.38 -7.31 0.16
N ASP A 73 -16.37 -8.02 1.29
CA ASP A 73 -16.80 -7.47 2.56
C ASP A 73 -15.61 -6.82 3.23
N LEU A 74 -15.70 -5.52 3.48
CA LEU A 74 -14.65 -4.78 4.14
C LEU A 74 -14.99 -4.44 5.59
N SER A 75 -16.14 -4.90 6.10
CA SER A 75 -16.61 -4.46 7.42
C SER A 75 -15.74 -5.00 8.55
N ALA A 76 -15.23 -6.24 8.44
CA ALA A 76 -14.31 -6.73 9.48
C ALA A 76 -13.02 -5.92 9.47
N GLY A 77 -12.45 -5.65 8.29
CA GLY A 77 -11.28 -4.79 8.22
C GLY A 77 -11.53 -3.41 8.80
N ASP A 78 -12.68 -2.81 8.45
CA ASP A 78 -13.01 -1.50 8.99
C ASP A 78 -13.09 -1.55 10.51
N ARG A 79 -13.72 -2.60 11.07
CA ARG A 79 -13.83 -2.71 12.52
C ARG A 79 -12.45 -2.90 13.14
N PHE A 80 -11.61 -3.74 12.53
CA PHE A 80 -10.24 -3.94 13.03
C PHE A 80 -9.49 -2.62 13.11
N ALA A 81 -9.60 -1.79 12.07
CA ALA A 81 -8.92 -0.49 12.10
C ALA A 81 -9.45 0.39 13.23
N ARG A 82 -10.73 0.25 13.60
CA ARG A 82 -11.30 1.06 14.68
C ARG A 82 -10.96 0.54 16.08
N GLN A 83 -10.54 -0.73 16.21
CA GLN A 83 -10.39 -1.38 17.50
C GLN A 83 -8.97 -1.78 17.90
N PHE A 84 -8.07 -2.02 16.93
CA PHE A 84 -6.81 -2.75 17.25
C PHE A 84 -5.99 -2.08 18.33
N PHE A 85 -6.14 -0.76 18.51
CA PHE A 85 -5.31 -0.01 19.43
C PHE A 85 -5.87 0.06 20.84
N GLN A 86 -7.06 -0.52 21.06
CA GLN A 86 -7.80 -0.27 22.29
C GLN A 86 -7.55 -1.30 23.38
N GLY A 87 -6.77 -2.35 23.14
CA GLY A 87 -6.41 -3.26 24.21
C GLY A 87 -7.42 -4.37 24.45
N THR A 88 -7.05 -5.29 25.35
CA THR A 88 -7.81 -6.54 25.48
C THR A 88 -9.19 -6.36 26.08
N GLY A 89 -9.53 -5.19 26.63
CA GLY A 89 -10.90 -5.00 27.08
C GLY A 89 -11.94 -4.84 25.97
N VAL A 90 -11.52 -4.81 24.70
CA VAL A 90 -12.40 -4.44 23.60
C VAL A 90 -12.39 -5.56 22.57
N GLU A 91 -13.51 -6.27 22.46
CA GLU A 91 -13.66 -7.46 21.61
C GLU A 91 -14.24 -7.07 20.25
N PRO A 92 -13.83 -7.75 19.17
CA PRO A 92 -12.90 -8.89 19.16
C PRO A 92 -11.43 -8.57 18.81
N TYR A 93 -11.10 -7.31 18.55
CA TYR A 93 -9.81 -6.97 17.96
C TYR A 93 -8.88 -6.14 18.84
N GLY A 94 -9.37 -5.57 19.95
CA GLY A 94 -8.55 -4.68 20.74
C GLY A 94 -7.26 -5.31 21.26
N LYS A 95 -7.27 -6.64 21.44
CA LYS A 95 -6.12 -7.34 21.99
C LYS A 95 -4.86 -7.24 21.15
N TYR A 96 -4.98 -6.89 19.86
CA TYR A 96 -3.81 -6.82 18.99
C TYR A 96 -2.88 -5.66 19.39
N ARG A 97 -3.36 -4.73 20.21
CA ARG A 97 -2.49 -3.69 20.80
C ARG A 97 -1.33 -4.30 21.58
N ASP A 98 -1.55 -5.45 22.23
CA ASP A 98 -0.53 -6.09 23.05
C ASP A 98 0.55 -6.80 22.24
N LEU A 99 0.42 -6.90 20.92
CA LEU A 99 1.38 -7.68 20.12
C LEU A 99 2.40 -6.73 19.51
N SER A 100 3.51 -6.54 20.22
CA SER A 100 4.58 -5.65 19.79
C SER A 100 5.51 -6.37 18.82
N SER A 101 6.50 -5.64 18.30
CA SER A 101 7.38 -6.17 17.25
C SER A 101 8.17 -7.40 17.70
N GLU A 102 8.40 -7.58 19.00
CA GLU A 102 9.20 -8.70 19.48
C GLU A 102 8.51 -10.04 19.25
N HIS A 103 7.17 -10.06 19.30
CA HIS A 103 6.42 -11.30 19.09
C HIS A 103 6.62 -11.88 17.69
N PHE A 104 7.44 -11.25 16.84
CA PHE A 104 7.51 -11.65 15.45
C PHE A 104 8.94 -11.77 14.92
N GLY A 105 9.96 -11.44 15.72
CA GLY A 105 11.31 -11.44 15.21
C GLY A 105 11.55 -10.51 14.05
N ASP A 106 10.61 -9.59 13.79
CA ASP A 106 10.71 -8.63 12.69
C ASP A 106 10.26 -7.30 13.26
N GLU A 107 11.22 -6.39 13.49
CA GLU A 107 10.95 -5.10 14.11
C GLU A 107 9.87 -4.30 13.39
N LEU A 108 9.59 -4.59 12.11
CA LEU A 108 8.60 -3.83 11.36
C LEU A 108 7.16 -4.18 11.70
N LEU A 109 6.92 -5.29 12.39
CA LEU A 109 5.57 -5.84 12.49
C LEU A 109 4.98 -5.58 13.87
N GLY A 110 3.71 -5.92 14.02
CA GLY A 110 3.07 -5.75 15.30
C GLY A 110 2.55 -4.33 15.48
N TYR A 111 2.28 -3.98 16.74
CA TYR A 111 1.74 -2.67 17.05
C TYR A 111 2.87 -1.64 17.10
N HIS A 112 2.69 -0.50 16.43
CA HIS A 112 3.64 0.60 16.51
C HIS A 112 2.93 1.95 16.73
N SER A 113 3.35 2.67 17.77
CA SER A 113 2.99 4.07 17.96
C SER A 113 4.00 4.94 17.23
N ARG A 114 3.53 5.77 16.29
CA ARG A 114 4.46 6.60 15.53
C ARG A 114 4.62 7.98 16.17
N VAL A 115 5.55 8.76 15.65
CA VAL A 115 5.74 10.13 16.14
C VAL A 115 4.64 11.07 15.66
N ASP A 116 3.98 10.74 14.56
CA ASP A 116 2.81 11.48 14.11
C ASP A 116 1.59 11.00 14.89
N GLN A 117 0.40 11.53 14.54
CA GLN A 117 -0.82 11.08 15.22
C GLN A 117 -1.02 9.58 15.06
N LEU A 118 -0.53 9.01 13.97
CA LEU A 118 -0.83 7.64 13.58
C LEU A 118 -0.25 6.62 14.55
N GLU A 119 -1.03 5.57 14.81
CA GLU A 119 -0.54 4.33 15.39
C GLU A 119 -1.02 3.21 14.48
N GLN A 120 -0.26 2.11 14.43
CA GLN A 120 -0.46 1.11 13.39
C GLN A 120 -0.35 -0.30 13.96
N PHE A 121 -1.01 -1.22 13.26
CA PHE A 121 -0.71 -2.64 13.38
C PHE A 121 -0.33 -3.16 12.01
N LEU A 122 0.90 -3.70 11.90
CA LEU A 122 1.46 -4.17 10.64
C LEU A 122 1.71 -5.66 10.74
N LEU A 123 1.27 -6.40 9.71
CA LEU A 123 1.53 -7.84 9.72
C LEU A 123 1.73 -8.33 8.30
N GLU A 124 2.81 -9.08 8.10
CA GLU A 124 3.15 -9.63 6.80
C GLU A 124 2.41 -10.95 6.58
N ARG A 125 2.15 -11.26 5.31
CA ARG A 125 1.33 -12.41 4.92
C ARG A 125 1.76 -13.70 5.62
N ARG A 126 3.06 -13.92 5.82
CA ARG A 126 3.48 -15.18 6.41
C ARG A 126 2.90 -15.43 7.80
N PHE A 127 2.37 -14.39 8.46
CA PHE A 127 1.79 -14.50 9.79
C PHE A 127 0.27 -14.42 9.81
N TRP A 128 -0.40 -14.20 8.67
CA TRP A 128 -1.84 -13.92 8.72
C TRP A 128 -2.61 -15.12 9.27
N GLY A 129 -2.35 -16.33 8.75
CA GLY A 129 -3.10 -17.48 9.21
C GLY A 129 -2.91 -17.74 10.69
N GLU A 130 -1.68 -17.59 11.18
CA GLU A 130 -1.38 -17.87 12.57
C GLU A 130 -1.88 -16.78 13.52
N VAL A 131 -1.77 -15.51 13.12
CA VAL A 131 -1.84 -14.40 14.05
C VAL A 131 -3.11 -13.58 13.89
N TYR A 132 -3.51 -13.29 12.65
CA TYR A 132 -4.72 -12.51 12.44
C TYR A 132 -5.96 -13.35 12.72
N PRO A 133 -7.09 -12.70 13.06
CA PRO A 133 -8.37 -13.43 13.07
C PRO A 133 -8.64 -13.95 11.67
N SER A 134 -9.34 -15.09 11.60
CA SER A 134 -9.48 -15.79 10.31
C SER A 134 -10.10 -14.88 9.26
N GLU A 135 -11.09 -14.07 9.63
CA GLU A 135 -11.74 -13.20 8.66
C GLU A 135 -10.82 -12.06 8.21
N ILE A 136 -9.87 -11.66 9.04
CA ILE A 136 -8.92 -10.64 8.61
C ILE A 136 -7.89 -11.22 7.66
N ALA A 137 -7.48 -12.48 7.88
CA ALA A 137 -6.59 -13.13 6.93
C ALA A 137 -7.29 -13.33 5.59
N THR A 138 -8.58 -13.70 5.62
CA THR A 138 -9.34 -13.82 4.38
C THR A 138 -9.33 -12.52 3.61
N LEU A 139 -9.62 -11.41 4.29
CA LEU A 139 -9.56 -10.10 3.67
C LEU A 139 -8.20 -9.86 3.03
N GLY A 140 -7.12 -10.14 3.76
CA GLY A 140 -5.80 -9.92 3.22
C GLY A 140 -5.52 -10.75 1.97
N GLU A 141 -6.05 -11.98 1.92
CA GLU A 141 -5.88 -12.81 0.74
C GLU A 141 -6.66 -12.25 -0.46
N HIS A 142 -7.93 -11.86 -0.25
CA HIS A 142 -8.68 -11.19 -1.33
C HIS A 142 -7.90 -10.01 -1.87
N LEU A 143 -7.37 -9.16 -0.99
CA LEU A 143 -6.67 -7.97 -1.45
C LEU A 143 -5.38 -8.32 -2.15
N THR A 144 -4.72 -9.40 -1.75
CA THR A 144 -3.49 -9.82 -2.43
C THR A 144 -3.78 -10.19 -3.87
N LEU A 145 -4.81 -11.02 -4.09
CA LEU A 145 -5.14 -11.45 -5.45
C LEU A 145 -5.63 -10.29 -6.29
N LEU A 146 -6.36 -9.36 -5.68
CA LEU A 146 -6.80 -8.15 -6.36
C LEU A 146 -5.61 -7.28 -6.76
N SER A 147 -4.70 -7.03 -5.83
CA SER A 147 -3.50 -6.24 -6.13
C SER A 147 -2.64 -6.93 -7.18
N HIS A 148 -2.54 -8.25 -7.10
CA HIS A 148 -1.87 -9.05 -8.13
C HIS A 148 -2.41 -8.71 -9.51
N ARG A 149 -3.74 -8.69 -9.66
CA ARG A 149 -4.31 -8.39 -10.97
C ARG A 149 -4.01 -6.96 -11.39
N VAL A 150 -4.11 -6.00 -10.46
CA VAL A 150 -3.77 -4.61 -10.76
C VAL A 150 -2.32 -4.49 -11.23
N LEU A 151 -1.39 -5.12 -10.50
CA LEU A 151 0.03 -4.97 -10.82
C LEU A 151 0.37 -5.53 -12.19
N ARG A 152 -0.23 -6.66 -12.57
CA ARG A 152 0.09 -7.24 -13.86
C ARG A 152 -0.42 -6.38 -15.01
N SER A 153 -1.53 -5.67 -14.82
CA SER A 153 -1.96 -4.68 -15.82
C SER A 153 -0.91 -3.59 -15.98
N VAL A 154 -0.44 -3.04 -14.85
CA VAL A 154 0.58 -1.99 -14.89
C VAL A 154 1.84 -2.49 -15.58
N LEU A 155 2.30 -3.69 -15.23
CA LEU A 155 3.53 -4.21 -15.81
C LEU A 155 3.40 -4.35 -17.32
N ALA A 156 2.25 -4.84 -17.81
CA ALA A 156 2.04 -4.94 -19.24
C ALA A 156 2.06 -3.57 -19.89
N SER A 157 1.51 -2.56 -19.22
CA SER A 157 1.52 -1.22 -19.81
C SER A 157 2.93 -0.64 -19.89
N ALA A 158 3.84 -1.09 -19.02
CA ALA A 158 5.19 -0.57 -19.02
C ALA A 158 6.07 -1.19 -20.07
N GLY A 159 5.61 -2.22 -20.78
CA GLY A 159 6.40 -2.82 -21.82
C GLY A 159 7.56 -3.67 -21.33
N ILE A 160 7.45 -4.23 -20.13
CA ILE A 160 8.49 -5.13 -19.62
C ILE A 160 8.15 -6.55 -20.09
N PRO A 161 9.10 -7.30 -20.67
CA PRO A 161 8.78 -8.66 -21.13
C PRO A 161 8.21 -9.51 -20.00
N GLU A 162 7.22 -10.31 -20.35
CA GLU A 162 6.46 -11.04 -19.34
C GLU A 162 7.36 -11.97 -18.52
N GLU A 163 8.37 -12.57 -19.16
CA GLU A 163 9.21 -13.50 -18.41
C GLU A 163 10.13 -12.80 -17.42
N ASP A 164 10.18 -11.47 -17.42
CA ASP A 164 10.94 -10.73 -16.41
C ASP A 164 10.07 -10.26 -15.26
N TRP A 165 8.75 -10.43 -15.35
CA TRP A 165 7.87 -9.83 -14.35
C TRP A 165 8.14 -10.37 -12.95
N HIS A 166 8.44 -11.67 -12.84
CA HIS A 166 8.55 -12.27 -11.51
C HIS A 166 9.73 -11.69 -10.76
N ARG A 167 10.91 -11.65 -11.40
CA ARG A 167 12.08 -11.06 -10.76
C ARG A 167 11.94 -9.54 -10.63
N ALA A 168 11.34 -8.90 -11.64
CA ALA A 168 11.18 -7.45 -11.57
C ALA A 168 10.29 -7.03 -10.42
N SER A 169 9.32 -7.86 -10.05
CA SER A 169 8.33 -7.54 -9.04
C SER A 169 8.63 -8.22 -7.71
N GLY A 170 9.76 -8.91 -7.59
CA GLY A 170 10.06 -9.64 -6.36
C GLY A 170 8.99 -10.66 -6.00
N GLY A 171 8.39 -11.31 -6.99
CA GLY A 171 7.33 -12.27 -6.75
C GLY A 171 5.92 -11.73 -6.81
N CYS A 172 5.74 -10.41 -6.83
CA CYS A 172 4.39 -9.82 -6.78
C CYS A 172 3.63 -9.95 -8.10
N SER A 173 4.32 -10.18 -9.23
CA SER A 173 3.58 -10.50 -10.44
C SER A 173 2.91 -11.87 -10.35
N GLU A 174 3.26 -12.68 -9.34
CA GLU A 174 2.53 -13.89 -9.02
C GLU A 174 1.98 -13.71 -7.61
N THR A 175 2.25 -14.64 -6.68
CA THR A 175 1.81 -14.46 -5.30
C THR A 175 2.93 -14.73 -4.29
N ASN A 176 4.19 -14.56 -4.72
CA ASN A 176 5.37 -14.81 -3.89
C ASN A 176 6.05 -13.56 -3.42
N GLY A 177 5.40 -12.40 -3.47
CA GLY A 177 5.96 -11.20 -2.89
C GLY A 177 5.80 -11.17 -1.37
N SER A 178 6.21 -10.05 -0.79
CA SER A 178 5.90 -9.77 0.60
C SER A 178 4.71 -8.84 0.61
N TYR A 179 3.72 -9.15 1.45
CA TYR A 179 2.48 -8.40 1.51
C TYR A 179 2.20 -8.03 2.96
N HIS A 180 1.97 -6.75 3.20
CA HIS A 180 1.60 -6.27 4.53
C HIS A 180 0.16 -5.79 4.50
N LEU A 181 -0.66 -6.33 5.39
CA LEU A 181 -1.98 -5.79 5.67
C LEU A 181 -1.83 -4.95 6.93
N THR A 182 -1.99 -3.64 6.77
CA THR A 182 -1.60 -2.67 7.79
C THR A 182 -2.80 -1.81 8.14
N PHE A 183 -3.09 -1.70 9.43
CA PHE A 183 -4.22 -0.95 9.95
C PHE A 183 -3.73 0.31 10.65
N ASN A 184 -4.43 1.43 10.42
CA ASN A 184 -4.00 2.76 10.84
C ASN A 184 -5.07 3.40 11.70
N HIS A 185 -4.65 4.03 12.81
CA HIS A 185 -5.55 4.87 13.60
C HIS A 185 -4.84 6.19 13.91
N TYR A 186 -5.52 7.29 13.62
CA TYR A 186 -4.97 8.62 13.84
C TYR A 186 -5.54 9.15 15.15
N ARG A 187 -4.65 9.38 16.12
CA ARG A 187 -5.03 9.83 17.45
C ARG A 187 -5.17 11.35 17.43
N SER A 188 -6.41 11.84 17.32
CA SER A 188 -6.60 13.26 17.11
C SER A 188 -6.15 14.09 18.30
N ALA A 189 -6.08 13.50 19.50
CA ALA A 189 -5.57 14.26 20.64
C ALA A 189 -4.09 14.63 20.49
N HIS A 190 -3.33 13.92 19.66
CA HIS A 190 -1.93 14.24 19.47
C HIS A 190 -1.76 15.44 18.54
N GLN A 191 -0.89 16.36 18.95
CA GLN A 191 -0.68 17.60 18.18
C GLN A 191 0.48 17.43 17.19
N ASP A 192 0.25 16.53 16.24
CA ASP A 192 1.16 16.23 15.15
C ASP A 192 0.40 16.26 13.82
N ILE A 193 1.14 16.29 12.71
CA ILE A 193 0.53 15.94 11.45
C ILE A 193 0.00 14.51 11.58
N GLY A 194 -1.00 14.18 10.77
CA GLY A 194 -1.57 12.84 10.86
C GLY A 194 -0.57 11.78 10.44
N LEU A 195 0.05 11.96 9.28
CA LEU A 195 1.12 11.09 8.83
C LEU A 195 1.98 11.90 7.88
N SER A 196 3.27 11.99 8.16
CA SER A 196 4.15 12.87 7.41
C SER A 196 4.18 12.48 5.94
N SER A 197 4.58 13.45 5.10
CA SER A 197 4.68 13.18 3.68
C SER A 197 5.70 12.08 3.42
N HIS A 198 5.34 11.17 2.54
CA HIS A 198 6.20 10.02 2.26
C HIS A 198 5.77 9.41 0.95
N LYS A 199 6.59 8.50 0.45
CA LYS A 199 6.22 7.58 -0.61
C LYS A 199 6.23 6.17 -0.01
N ASP A 200 5.33 5.32 -0.50
CA ASP A 200 5.32 3.94 -0.04
C ASP A 200 6.51 3.19 -0.60
N ASP A 201 6.86 2.08 0.06
CA ASP A 201 8.09 1.35 -0.28
C ASP A 201 7.95 0.56 -1.58
N GLY A 202 6.78 -0.02 -1.84
CA GLY A 202 6.69 -1.19 -2.71
C GLY A 202 6.25 -0.86 -4.12
N PHE A 203 5.48 -1.78 -4.71
CA PHE A 203 4.99 -1.62 -6.07
C PHE A 203 3.57 -1.08 -6.10
N ILE A 204 2.67 -1.66 -5.32
CA ILE A 204 1.26 -1.28 -5.32
C ILE A 204 0.79 -1.16 -3.88
N THR A 205 0.06 -0.09 -3.58
CA THR A 205 -0.69 0.05 -2.34
C THR A 205 -2.16 0.09 -2.69
N VAL A 206 -2.96 -0.77 -2.06
CA VAL A 206 -4.40 -0.67 -2.17
C VAL A 206 -4.89 -0.12 -0.84
N LEU A 207 -5.40 1.10 -0.84
CA LEU A 207 -5.73 1.83 0.38
C LEU A 207 -7.24 1.94 0.55
N ARG A 208 -7.72 1.53 1.71
CA ARG A 208 -9.13 1.65 2.05
C ARG A 208 -9.28 2.80 3.06
N THR A 209 -9.82 3.92 2.59
CA THR A 209 -10.08 5.08 3.41
CA THR A 209 -10.09 5.09 3.41
C THR A 209 -11.53 5.51 3.21
N THR A 210 -12.16 5.94 4.30
CA THR A 210 -13.56 6.34 4.27
C THR A 210 -13.76 7.75 4.82
N ALA A 211 -12.68 8.46 5.15
CA ALA A 211 -12.80 9.81 5.69
C ALA A 211 -11.69 10.68 5.10
N GLN A 212 -11.96 11.98 5.07
CA GLN A 212 -10.99 12.96 4.59
C GLN A 212 -9.68 12.89 5.39
N GLY A 213 -8.63 13.48 4.83
CA GLY A 213 -7.34 13.51 5.48
C GLY A 213 -6.18 13.18 4.56
N LEU A 214 -6.38 12.23 3.65
CA LEU A 214 -5.34 11.88 2.69
C LEU A 214 -5.15 13.02 1.69
N GLU A 215 -3.90 13.43 1.52
CA GLU A 215 -3.54 14.45 0.56
C GLU A 215 -2.40 13.92 -0.30
N VAL A 216 -2.39 14.34 -1.58
CA VAL A 216 -1.35 13.92 -2.52
C VAL A 216 -0.67 15.16 -3.08
N ASN A 217 0.60 15.00 -3.40
CA ASN A 217 1.39 16.04 -4.04
C ASN A 217 1.77 15.54 -5.44
N ARG A 218 0.80 15.56 -6.34
CA ARG A 218 1.08 15.51 -7.76
C ARG A 218 1.26 16.94 -8.24
N ASP A 219 2.44 17.22 -8.82
CA ASP A 219 2.73 18.50 -9.48
C ASP A 219 2.73 19.67 -8.49
N ASP A 220 3.55 19.52 -7.45
CA ASP A 220 4.03 20.61 -6.60
C ASP A 220 2.92 21.37 -5.86
N VAL A 221 1.67 20.92 -5.93
CA VAL A 221 0.60 21.42 -5.07
C VAL A 221 0.00 20.24 -4.33
N TRP A 222 -0.23 20.44 -3.04
CA TRP A 222 -0.94 19.44 -2.25
C TRP A 222 -2.43 19.52 -2.57
N GLU A 223 -3.05 18.36 -2.69
CA GLU A 223 -4.47 18.29 -3.00
C GLU A 223 -5.08 17.19 -2.16
N LYS A 224 -6.31 17.43 -1.71
CA LYS A 224 -7.02 16.40 -0.97
C LYS A 224 -7.43 15.29 -1.94
N VAL A 225 -7.35 14.05 -1.46
CA VAL A 225 -7.82 12.90 -2.23
C VAL A 225 -9.30 12.76 -1.92
N PRO A 226 -10.17 12.80 -2.94
CA PRO A 226 -11.61 12.77 -2.66
C PRO A 226 -12.00 11.47 -1.97
N VAL A 227 -12.99 11.56 -1.09
CA VAL A 227 -13.42 10.40 -0.31
C VAL A 227 -14.55 9.68 -1.04
N ASP A 228 -14.38 8.40 -1.23
CA ASP A 228 -15.39 7.58 -1.92
C ASP A 228 -15.28 6.17 -1.34
N PRO A 229 -16.10 5.83 -0.35
CA PRO A 229 -16.01 4.52 0.29
C PRO A 229 -16.37 3.35 -0.62
N ALA A 230 -16.79 3.61 -1.85
CA ALA A 230 -17.01 2.57 -2.85
C ALA A 230 -15.77 2.27 -3.67
N CYS A 231 -14.65 2.95 -3.39
CA CYS A 231 -13.42 2.76 -4.15
C CYS A 231 -12.25 2.63 -3.20
N PHE A 232 -11.28 1.80 -3.59
CA PHE A 232 -9.96 1.89 -3.00
C PHE A 232 -9.18 3.04 -3.62
N VAL A 233 -8.21 3.55 -2.89
CA VAL A 233 -7.18 4.39 -3.50
C VAL A 233 -6.01 3.49 -3.86
N VAL A 234 -5.53 3.59 -5.10
CA VAL A 234 -4.38 2.81 -5.54
C VAL A 234 -3.26 3.79 -5.85
N ASN A 235 -2.07 3.52 -5.32
CA ASN A 235 -0.91 4.28 -5.75
C ASN A 235 0.28 3.34 -5.84
N PHE A 236 1.35 3.86 -6.44
CA PHE A 236 2.59 3.12 -6.61
C PHE A 236 3.57 3.53 -5.51
N GLY A 237 4.51 2.63 -5.22
CA GLY A 237 5.55 2.88 -4.26
C GLY A 237 6.91 3.07 -4.90
N LEU A 238 7.93 3.14 -4.04
CA LEU A 238 9.28 3.43 -4.51
C LEU A 238 9.79 2.35 -5.47
N SER A 239 9.40 1.09 -5.25
CA SER A 239 9.94 0.01 -6.08
C SER A 239 9.37 0.09 -7.50
N MET A 240 8.14 0.56 -7.64
CA MET A 240 7.59 0.79 -8.98
C MET A 240 8.36 1.91 -9.69
N GLU A 241 8.67 2.98 -8.96
CA GLU A 241 9.39 4.10 -9.55
C GLU A 241 10.80 3.70 -9.96
N ILE A 242 11.50 2.97 -9.09
CA ILE A 242 12.82 2.46 -9.45
C ILE A 242 12.71 1.52 -10.66
N LEU A 243 11.75 0.59 -10.61
CA LEU A 243 11.60 -0.39 -11.68
C LEU A 243 11.46 0.28 -13.04
N THR A 244 10.62 1.31 -13.13
CA THR A 244 10.25 1.90 -14.42
C THR A 244 11.02 3.18 -14.75
N SER A 245 12.01 3.55 -13.94
CA SER A 245 12.68 4.85 -14.13
C SER A 245 13.29 4.99 -15.52
N ALA A 246 13.69 3.89 -16.16
CA ALA A 246 14.33 3.98 -17.46
C ALA A 246 13.40 3.65 -18.61
N CYS A 247 12.12 3.40 -18.34
CA CYS A 247 11.16 3.16 -19.40
C CYS A 247 10.82 4.46 -20.11
N VAL A 248 10.06 4.35 -21.21
CA VAL A 248 9.70 5.55 -21.95
C VAL A 248 8.62 6.35 -21.24
N THR A 249 7.87 5.72 -20.35
CA THR A 249 6.87 6.41 -19.53
C THR A 249 7.10 6.02 -18.08
N PRO A 250 8.09 6.62 -17.43
CA PRO A 250 8.37 6.25 -16.03
C PRO A 250 7.18 6.54 -15.14
N LEU A 251 6.90 5.61 -14.23
CA LEU A 251 5.85 5.78 -13.25
C LEU A 251 6.46 6.28 -11.93
N SER A 252 5.71 7.09 -11.21
CA SER A 252 6.22 7.73 -10.02
C SER A 252 5.52 7.17 -8.78
N ALA A 253 6.25 7.20 -7.66
CA ALA A 253 5.70 6.89 -6.35
C ALA A 253 5.14 8.19 -5.78
N ILE A 254 3.82 8.29 -5.71
CA ILE A 254 3.21 9.58 -5.37
C ILE A 254 3.52 9.95 -3.93
N MET A 255 4.00 11.17 -3.73
CA MET A 255 4.16 11.72 -2.40
C MET A 255 2.78 12.00 -1.80
N HIS A 256 2.55 11.49 -0.59
CA HIS A 256 1.27 11.70 0.07
C HIS A 256 1.44 11.81 1.58
N ARG A 257 0.39 12.31 2.22
CA ARG A 257 0.40 12.55 3.66
C ARG A 257 -1.03 12.51 4.16
N VAL A 258 -1.18 12.53 5.48
CA VAL A 258 -2.46 12.66 6.14
C VAL A 258 -2.39 13.88 7.01
N SER A 259 -3.25 14.86 6.71
CA SER A 259 -3.20 16.11 7.45
C SER A 259 -3.58 15.88 8.91
N HIS A 260 -3.25 16.86 9.73
CA HIS A 260 -3.61 16.80 11.14
C HIS A 260 -5.10 16.59 11.31
N GLN A 261 -5.46 15.59 12.12
CA GLN A 261 -6.84 15.20 12.34
C GLN A 261 -7.37 15.81 13.63
N ASN A 262 -8.49 16.52 13.54
CA ASN A 262 -9.13 17.07 14.73
C ASN A 262 -10.08 16.08 15.40
N PHE A 263 -10.60 15.12 14.67
CA PHE A 263 -11.29 13.98 15.23
C PHE A 263 -10.58 12.73 14.75
N ASP A 264 -10.84 11.62 15.43
CA ASP A 264 -10.10 10.41 15.10
C ASP A 264 -10.39 9.97 13.66
N ARG A 265 -9.51 9.12 13.15
CA ARG A 265 -9.62 8.63 11.79
C ARG A 265 -8.96 7.27 11.74
N SER A 266 -9.49 6.39 10.90
CA SER A 266 -8.84 5.11 10.69
C SER A 266 -8.94 4.74 9.21
N SER A 267 -8.06 3.82 8.83
CA SER A 267 -7.92 3.34 7.46
C SER A 267 -7.13 2.04 7.54
N PHE A 268 -7.02 1.36 6.40
CA PHE A 268 -6.06 0.26 6.31
C PHE A 268 -5.62 0.11 4.86
N GLY A 269 -4.49 -0.56 4.67
CA GLY A 269 -3.92 -0.71 3.35
C GLY A 269 -3.30 -2.07 3.18
N HIS A 270 -3.30 -2.55 1.93
CA HIS A 270 -2.59 -3.74 1.50
C HIS A 270 -1.41 -3.27 0.66
N PHE A 271 -0.20 -3.64 1.10
CA PHE A 271 1.06 -3.19 0.50
C PHE A 271 1.77 -4.40 -0.10
N SER A 272 2.23 -4.27 -1.34
CA SER A 272 2.91 -5.34 -2.06
C SER A 272 4.36 -4.93 -2.27
N SER A 273 5.29 -5.75 -1.81
CA SER A 273 6.70 -5.45 -1.91
C SER A 273 7.45 -6.66 -2.48
N SER A 274 8.60 -6.36 -3.07
CA SER A 274 9.55 -7.41 -3.40
C SER A 274 9.78 -8.27 -2.16
N ARG A 275 9.80 -9.59 -2.35
CA ARG A 275 9.85 -10.50 -1.20
C ARG A 275 11.01 -10.13 -0.27
N CYS A 276 10.68 -9.69 0.96
CA CYS A 276 11.62 -9.02 1.85
C CYS A 276 11.75 -9.72 3.20
N LEU A 277 11.68 -11.05 3.21
CA LEU A 277 11.85 -11.78 4.46
C LEU A 277 13.19 -11.44 5.09
N PRO A 278 13.30 -11.56 6.42
CA PRO A 278 14.63 -11.48 7.05
C PRO A 278 15.69 -12.33 6.38
N GLY A 279 15.38 -13.60 6.11
CA GLY A 279 16.37 -14.51 5.56
C GLY A 279 16.44 -14.60 4.04
N ALA A 280 15.36 -14.23 3.35
CA ALA A 280 15.29 -14.39 1.90
C ALA A 280 14.74 -13.09 1.28
N ASP A 281 15.64 -12.31 0.69
CA ASP A 281 15.34 -11.01 0.10
C ASP A 281 15.44 -11.12 -1.41
N ASP A 282 14.42 -10.63 -2.12
CA ASP A 282 14.41 -10.78 -3.58
C ASP A 282 15.10 -9.64 -4.33
N GLY A 283 15.45 -8.54 -3.66
CA GLY A 283 16.15 -7.46 -4.31
C GLY A 283 15.23 -6.48 -5.02
N ILE A 284 15.79 -5.32 -5.35
CA ILE A 284 15.09 -4.25 -6.04
C ILE A 284 15.81 -4.01 -7.35
N TYR A 285 15.06 -3.97 -8.45
CA TYR A 285 15.64 -3.93 -9.78
C TYR A 285 15.10 -2.74 -10.57
N ARG A 286 15.94 -2.22 -11.45
CA ARG A 286 15.55 -1.28 -12.47
C ARG A 286 15.57 -2.00 -13.81
N TYR A 287 14.50 -1.85 -14.59
CA TYR A 287 14.43 -2.47 -15.92
C TYR A 287 15.13 -1.59 -16.93
N LEU A 288 16.07 -2.18 -17.66
CA LEU A 288 16.74 -1.46 -18.73
C LEU A 288 16.19 -1.92 -20.06
N PRO A 289 15.43 -1.07 -20.76
CA PRO A 289 14.85 -1.48 -22.05
C PRO A 289 15.91 -2.07 -22.97
N SER A 290 15.63 -3.26 -23.50
CA SER A 290 16.43 -4.05 -24.44
C SER A 290 17.59 -4.77 -23.76
N ALA A 291 17.80 -4.59 -22.46
CA ALA A 291 18.90 -5.24 -21.75
C ALA A 291 18.39 -6.24 -20.72
N GLY A 292 17.53 -5.82 -19.83
CA GLY A 292 17.03 -6.65 -18.76
C GLY A 292 17.08 -5.90 -17.45
N LEU A 293 17.07 -6.67 -16.36
CA LEU A 293 16.96 -6.12 -15.02
C LEU A 293 18.34 -5.89 -14.41
N GLU A 294 18.50 -4.80 -13.68
CA GLU A 294 19.73 -4.58 -12.94
C GLU A 294 19.40 -4.29 -11.50
N ARG A 295 20.19 -4.85 -10.59
CA ARG A 295 19.89 -4.76 -9.16
C ARG A 295 20.25 -3.39 -8.63
N VAL A 296 19.35 -2.80 -7.84
CA VAL A 296 19.53 -1.49 -7.26
C VAL A 296 19.90 -1.56 -5.79
N CYS A 297 19.16 -2.36 -5.01
CA CYS A 297 19.33 -2.47 -3.57
C CYS A 297 18.47 -3.65 -3.12
N GLY A 298 18.44 -3.87 -1.80
CA GLY A 298 17.58 -4.89 -1.25
C GLY A 298 16.21 -4.37 -0.89
N SER A 299 15.24 -5.29 -0.83
CA SER A 299 13.87 -4.89 -0.51
C SER A 299 13.76 -4.43 0.94
N ARG A 300 14.38 -5.17 1.87
CA ARG A 300 14.34 -4.73 3.27
C ARG A 300 15.14 -3.46 3.45
N GLU A 301 16.31 -3.36 2.81
CA GLU A 301 17.09 -2.12 2.82
C GLU A 301 16.21 -0.92 2.48
N LEU A 302 15.43 -1.04 1.41
CA LEU A 302 14.58 0.05 0.96
C LEU A 302 13.53 0.40 2.02
N ILE A 303 12.89 -0.61 2.59
CA ILE A 303 11.85 -0.37 3.59
C ILE A 303 12.45 0.30 4.82
N GLU A 304 13.64 -0.13 5.23
CA GLU A 304 14.25 0.47 6.42
C GLU A 304 14.67 1.91 6.14
N GLU A 305 15.33 2.16 5.00
CA GLU A 305 15.77 3.52 4.69
C GLU A 305 14.57 4.44 4.53
N ASN A 306 13.51 3.99 3.87
CA ASN A 306 12.32 4.80 3.71
C ASN A 306 11.68 5.09 5.07
N ASP A 307 11.53 4.05 5.89
CA ASP A 307 10.90 4.23 7.20
C ASP A 307 11.72 5.16 8.10
N HIS A 308 13.03 5.23 7.88
CA HIS A 308 13.84 6.20 8.63
C HIS A 308 13.53 7.63 8.19
N GLU A 309 13.50 7.87 6.87
CA GLU A 309 13.36 9.23 6.37
C GLU A 309 12.00 9.84 6.70
N ILE A 310 10.95 9.01 6.81
CA ILE A 310 9.61 9.54 7.07
C ILE A 310 9.51 10.08 8.49
N TYR A 311 9.94 9.28 9.48
CA TYR A 311 9.71 9.60 10.89
C TYR A 311 10.90 10.28 11.58
N MET A 312 12.00 10.54 10.87
CA MET A 312 13.06 11.39 11.40
C MET A 312 13.49 12.37 10.29
C1 AKG B . 0.30 4.53 4.80
O1 AKG B . 1.35 4.42 4.15
O2 AKG B . 0.10 3.80 5.78
C2 AKG B . -0.69 5.55 4.42
O5 AKG B . -0.44 6.38 3.56
C3 AKG B . -2.02 5.65 5.11
C4 AKG B . -2.84 6.74 4.42
C5 AKG B . -4.20 6.88 5.05
O3 AKG B . -5.13 7.32 4.33
O4 AKG B . -4.35 6.57 6.26
FE FE2 C . 1.44 5.70 2.33
C1 GOL D . -4.62 -12.74 -13.40
O1 GOL D . -3.97 -11.52 -13.66
C2 GOL D . -3.69 -13.92 -13.70
O2 GOL D . -3.26 -14.51 -12.49
C3 GOL D . -4.38 -14.96 -14.58
O3 GOL D . -5.26 -15.76 -13.83
C02 7QX E . 4.88 1.12 3.43
C04 7QX E . 4.40 -1.31 4.11
C05 7QX E . 5.42 -2.10 4.88
C06 7QX E . 6.51 -2.54 3.91
C07 7QX E . 6.04 -1.23 6.00
C08 7QX E . 7.01 -2.06 6.89
C09 7QX E . 3.29 -0.82 5.07
C11 7QX E . 3.92 1.59 4.55
C12 7QX E . 4.81 2.34 5.58
C13 7QX E . 3.97 3.24 6.58
C14 7QX E . 4.64 3.02 7.96
C17 7QX E . 4.11 4.70 6.14
N03 7QX E . 5.10 -0.33 3.26
N10 7QX E . 3.09 0.62 5.27
O01 7QX E . 5.43 1.92 2.75
O15 7QX E . 4.12 3.95 8.87
O16 7QX E . 2.62 2.87 6.60
O18 7QX E . 2.60 -1.61 5.64
#